data_4HOX
#
_entry.id   4HOX
#
_cell.length_a   58.662
_cell.length_b   81.131
_cell.length_c   137.626
_cell.angle_alpha   90.00
_cell.angle_beta   90.00
_cell.angle_gamma   90.00
#
_symmetry.space_group_name_H-M   'P 21 21 21'
#
loop_
_entity.id
_entity.type
_entity.pdbx_description
1 polymer 'Sucrose isomerase'
2 non-polymer 2-AMINO-2-HYDROXYMETHYL-PROPANE-1,3-DIOL
3 non-polymer GLYCEROL
4 non-polymer 'CALCIUM ION'
5 water water
#
_entity_poly.entity_id   1
_entity_poly.type   'polypeptide(L)'
_entity_poly.pdbx_seq_one_letter_code
;NALPTWWKQAVFYQVYPRSFKDTNGDGIGDLNGIIENLDYLKKLGIDAIWINPHYDSPNTDNGYDIRDYRKIMKEYGTME
DFDRLISEMKKRNMRLMIDIVINHTSDQHAWFVQSKSGKNNPYRDYYFWRDGKDGHAPNNYPSFFGGSAWEKDDKSGQYY
LHYFAKQQPDLNWDNPKVRQDLYDMLRFWLDKGVSGLRFDTVATYSKIPNFPDLSQQQLKNFAEEYTKGPKIHDYVNEMN
REVLSHYDIATAGEIFGVPLDKSIKFFDRRRNELNIAFTFDLIRLDRDADERWRRKDWTLSQFRKIVDKVDQTAGEYGWN
AFFLDNHDNPRAVSHFGDDRPQWREHAAKALATLTLTQRATPFIYQGSELGMTNYPFKKIDDFDDVEVKGFWQDYVETGK
VKAEEFLQNVRQTSRDNSRTPFQWDASKNAGFTSGTPWLKINPNYKEINSADQINNPNSVFNYYRKLINIRHDIPALTYG
SYIDLDPDNNSVYAYTRTLGAEKYLVVINFKEEVMHYTLPGDLSINKVITENNSHTIVNKNDRQLRLEPWQSGIYKLNP
;
_entity_poly.pdbx_strand_id   A
#
loop_
_chem_comp.id
_chem_comp.type
_chem_comp.name
_chem_comp.formula
CA non-polymer 'CALCIUM ION' 'Ca 2'
GOL non-polymer GLYCEROL 'C3 H8 O3'
TRS non-polymer 2-AMINO-2-HYDROXYMETHYL-PROPANE-1,3-DIOL 'C4 H12 N O3 1'
#
# COMPACT_ATOMS: atom_id res chain seq x y z
N ALA A 2 25.67 -2.25 -2.25
CA ALA A 2 25.73 -1.26 -1.13
C ALA A 2 25.19 0.07 -1.58
N LEU A 3 24.79 0.90 -0.65
CA LEU A 3 24.99 0.69 0.76
C LEU A 3 23.80 0.04 1.42
N PRO A 4 24.06 -1.05 2.17
CA PRO A 4 23.05 -1.66 3.02
C PRO A 4 22.52 -0.63 4.00
N THR A 5 21.22 -0.71 4.30
CA THR A 5 20.63 0.07 5.40
C THR A 5 19.57 -0.79 6.01
N TRP A 6 19.18 -0.42 7.23
CA TRP A 6 18.20 -1.18 7.93
C TRP A 6 16.89 -1.26 7.14
N TRP A 7 16.48 -0.15 6.51
CA TRP A 7 15.21 -0.11 5.82
C TRP A 7 15.20 -0.84 4.50
N LYS A 8 16.34 -0.94 3.83
CA LYS A 8 16.44 -1.80 2.63
C LYS A 8 16.32 -3.29 2.95
N GLN A 9 16.84 -3.71 4.10
CA GLN A 9 16.72 -5.12 4.49
C GLN A 9 15.57 -5.47 5.43
N ALA A 10 14.79 -4.48 5.89
CA ALA A 10 13.68 -4.69 6.83
C ALA A 10 12.57 -5.42 6.08
N VAL A 11 11.76 -6.16 6.82
CA VAL A 11 10.46 -6.62 6.31
C VAL A 11 9.42 -5.86 7.11
N PHE A 12 8.63 -5.05 6.42
CA PHE A 12 7.60 -4.27 7.06
C PHE A 12 6.27 -5.01 7.03
N TYR A 13 5.45 -4.65 8.00
CA TYR A 13 4.10 -5.16 8.09
C TYR A 13 3.19 -3.97 8.21
N GLN A 14 2.11 -3.93 7.41
CA GLN A 14 1.24 -2.78 7.44
C GLN A 14 0.02 -3.14 8.29
N VAL A 15 -0.21 -2.33 9.32
CA VAL A 15 -1.39 -2.44 10.17
C VAL A 15 -2.38 -1.33 9.85
N TYR A 16 -3.60 -1.75 9.48
CA TYR A 16 -4.72 -0.83 9.26
C TYR A 16 -5.45 -0.76 10.62
N PRO A 17 -5.17 0.25 11.47
CA PRO A 17 -5.61 0.10 12.88
C PRO A 17 -7.14 -0.13 13.07
N ARG A 18 -7.94 0.45 12.21
CA ARG A 18 -9.42 0.35 12.24
C ARG A 18 -9.89 -1.12 12.20
N SER A 19 -9.09 -1.96 11.52
CA SER A 19 -9.45 -3.33 11.26
C SER A 19 -8.50 -4.36 11.84
N PHE A 20 -7.61 -3.98 12.77
CA PHE A 20 -6.62 -4.97 13.24
C PHE A 20 -7.15 -5.71 14.47
N LYS A 21 -7.37 -5.01 15.58
CA LYS A 21 -7.92 -5.64 16.80
CA LYS A 21 -7.92 -5.65 16.80
C LYS A 21 -8.66 -4.62 17.64
N ASP A 22 -9.95 -4.87 17.93
CA ASP A 22 -10.77 -3.99 18.79
C ASP A 22 -10.66 -4.53 20.23
N THR A 23 -10.30 -3.67 21.17
CA THR A 23 -10.13 -4.14 22.52
C THR A 23 -11.21 -3.53 23.46
N ASN A 24 -12.18 -2.77 22.95
CA ASN A 24 -13.23 -2.25 23.86
C ASN A 24 -14.67 -2.41 23.36
N GLY A 25 -14.90 -3.37 22.46
CA GLY A 25 -16.23 -3.74 21.96
C GLY A 25 -17.01 -2.71 21.14
N ASP A 26 -16.38 -1.64 20.68
CA ASP A 26 -17.14 -0.70 19.80
C ASP A 26 -17.11 -1.14 18.31
N GLY A 27 -16.39 -2.22 17.99
CA GLY A 27 -16.36 -2.79 16.65
C GLY A 27 -15.25 -2.22 15.76
N ILE A 28 -14.41 -1.36 16.33
CA ILE A 28 -13.41 -0.64 15.56
C ILE A 28 -12.08 -0.97 16.22
N GLY A 29 -11.06 -1.29 15.41
CA GLY A 29 -9.74 -1.58 15.95
C GLY A 29 -9.13 -0.35 16.61
N ASP A 30 -8.23 -0.55 17.55
CA ASP A 30 -7.66 0.58 18.29
C ASP A 30 -6.15 0.30 18.55
N LEU A 31 -5.43 1.30 19.05
CA LEU A 31 -4.01 1.16 19.42
C LEU A 31 -3.75 0.10 20.43
N ASN A 32 -4.61 -0.02 21.47
CA ASN A 32 -4.37 -1.12 22.43
C ASN A 32 -4.39 -2.52 21.76
N GLY A 33 -5.21 -2.69 20.74
CA GLY A 33 -5.25 -3.97 20.02
C GLY A 33 -3.96 -4.20 19.23
N ILE A 34 -3.33 -3.14 18.71
CA ILE A 34 -2.00 -3.31 18.11
C ILE A 34 -1.01 -3.80 19.21
N ILE A 35 -0.94 -3.07 20.32
CA ILE A 35 -0.07 -3.40 21.44
C ILE A 35 -0.22 -4.82 21.85
N GLU A 36 -1.45 -5.28 22.04
CA GLU A 36 -1.57 -6.64 22.56
C GLU A 36 -1.14 -7.74 21.60
N ASN A 37 -0.99 -7.41 20.29
CA ASN A 37 -0.58 -8.39 19.29
C ASN A 37 0.83 -8.17 18.73
N LEU A 38 1.64 -7.39 19.45
CA LEU A 38 3.01 -7.20 19.00
C LEU A 38 3.82 -8.49 19.04
N ASP A 39 3.57 -9.30 20.05
CA ASP A 39 4.26 -10.60 20.11
C ASP A 39 3.93 -11.49 18.92
N TYR A 40 2.70 -11.46 18.44
CA TYR A 40 2.31 -12.22 17.26
C TYR A 40 3.18 -11.75 16.02
N LEU A 41 3.29 -10.44 15.84
CA LEU A 41 4.07 -9.87 14.75
C LEU A 41 5.55 -10.20 14.92
N LYS A 42 6.05 -10.14 16.17
CA LYS A 42 7.46 -10.50 16.39
C LYS A 42 7.67 -11.96 16.03
N LYS A 43 6.71 -12.82 16.35
CA LYS A 43 6.87 -14.24 15.99
C LYS A 43 6.89 -14.43 14.48
N LEU A 44 6.07 -13.69 13.75
CA LEU A 44 6.07 -13.73 12.29
C LEU A 44 7.47 -13.40 11.74
N GLY A 45 8.23 -12.55 12.45
CA GLY A 45 9.60 -12.14 12.03
C GLY A 45 9.64 -10.70 11.53
N ILE A 46 8.53 -9.95 11.71
CA ILE A 46 8.38 -8.51 11.25
C ILE A 46 9.35 -7.63 12.07
N ASP A 47 10.09 -6.72 11.46
CA ASP A 47 10.88 -5.78 12.29
C ASP A 47 10.46 -4.30 12.26
N ALA A 48 9.53 -3.94 11.37
CA ALA A 48 9.00 -2.61 11.28
C ALA A 48 7.53 -2.70 10.93
N ILE A 49 6.74 -1.77 11.49
CA ILE A 49 5.32 -1.69 11.26
C ILE A 49 5.04 -0.29 10.72
N TRP A 50 4.30 -0.20 9.61
CA TRP A 50 3.69 1.03 9.16
C TRP A 50 2.22 1.01 9.54
N ILE A 51 1.80 2.02 10.30
CA ILE A 51 0.37 2.19 10.59
C ILE A 51 -0.28 3.27 9.71
N ASN A 52 -1.52 3.01 9.26
CA ASN A 52 -2.33 4.01 8.59
C ASN A 52 -2.64 5.16 9.58
N PRO A 53 -3.24 6.25 9.09
CA PRO A 53 -3.34 7.47 9.91
C PRO A 53 -3.99 7.22 11.29
N HIS A 54 -3.38 7.77 12.33
CA HIS A 54 -3.90 7.51 13.70
C HIS A 54 -4.36 8.78 14.40
N TYR A 55 -4.65 9.81 13.62
CA TYR A 55 -4.88 11.15 14.16
C TYR A 55 -6.37 11.47 14.22
N ASP A 56 -6.67 12.46 15.02
CA ASP A 56 -8.00 13.03 15.09
C ASP A 56 -8.57 13.31 13.72
N SER A 57 -9.73 12.69 13.43
CA SER A 57 -10.29 12.62 12.12
C SER A 57 -11.80 12.36 12.16
N PRO A 58 -12.63 13.10 11.35
CA PRO A 58 -14.06 12.78 11.25
C PRO A 58 -14.26 11.46 10.49
N ASN A 59 -13.18 10.89 9.92
CA ASN A 59 -13.26 9.59 9.16
C ASN A 59 -14.08 9.53 7.86
N THR A 60 -14.20 10.64 7.14
CA THR A 60 -14.74 10.59 5.77
C THR A 60 -13.90 9.61 4.95
N ASP A 61 -12.60 9.65 5.14
CA ASP A 61 -11.70 8.71 4.45
C ASP A 61 -10.89 7.91 5.45
N ASN A 62 -11.57 7.46 6.52
CA ASN A 62 -10.96 6.57 7.55
C ASN A 62 -9.56 6.98 7.93
N GLY A 63 -9.41 8.24 8.37
CA GLY A 63 -8.15 8.69 9.00
C GLY A 63 -7.38 9.63 8.09
N TYR A 64 -7.64 9.57 6.78
CA TYR A 64 -6.90 10.43 5.82
C TYR A 64 -7.47 11.87 5.68
N ASP A 65 -8.53 12.18 6.45
CA ASP A 65 -9.09 13.51 6.57
C ASP A 65 -8.82 13.97 7.99
N ILE A 66 -7.69 14.67 8.15
CA ILE A 66 -7.19 14.90 9.50
C ILE A 66 -7.66 16.25 10.04
N ARG A 67 -8.31 16.19 11.21
CA ARG A 67 -8.87 17.35 11.81
C ARG A 67 -7.89 18.02 12.79
N ASP A 68 -6.97 17.22 13.36
CA ASP A 68 -5.90 17.77 14.25
C ASP A 68 -4.71 16.84 14.20
N TYR A 69 -3.63 17.31 13.61
CA TYR A 69 -2.44 16.50 13.42
C TYR A 69 -1.73 16.15 14.73
N ARG A 70 -2.04 16.83 15.82
CA ARG A 70 -1.34 16.49 17.04
C ARG A 70 -2.20 15.75 18.07
N LYS A 71 -3.35 15.23 17.67
CA LYS A 71 -4.20 14.49 18.60
C LYS A 71 -4.41 13.09 18.06
N ILE A 72 -4.50 12.09 18.95
CA ILE A 72 -4.84 10.70 18.57
C ILE A 72 -6.32 10.60 18.14
N MET A 73 -6.60 9.86 17.07
CA MET A 73 -8.00 9.60 16.70
C MET A 73 -8.81 9.08 17.91
N LYS A 74 -10.01 9.63 18.14
CA LYS A 74 -10.78 9.21 19.32
C LYS A 74 -10.99 7.69 19.36
N GLU A 75 -11.33 7.10 18.23
CA GLU A 75 -11.57 5.66 18.15
C GLU A 75 -10.32 4.82 18.46
N TYR A 76 -9.13 5.37 18.24
CA TYR A 76 -7.94 4.52 18.45
C TYR A 76 -7.37 4.55 19.87
N GLY A 77 -7.71 5.61 20.63
CA GLY A 77 -7.24 5.73 22.05
C GLY A 77 -6.71 7.11 22.36
N THR A 78 -5.65 7.18 23.17
CA THR A 78 -5.15 8.39 23.74
C THR A 78 -3.71 8.51 23.36
N MET A 79 -3.13 9.68 23.60
CA MET A 79 -1.64 9.87 23.43
C MET A 79 -0.82 8.90 24.28
N GLU A 80 -1.35 8.58 25.47
CA GLU A 80 -0.65 7.62 26.31
C GLU A 80 -0.65 6.24 25.65
N ASP A 81 -1.75 5.85 25.00
CA ASP A 81 -1.75 4.55 24.24
C ASP A 81 -0.69 4.57 23.16
N PHE A 82 -0.61 5.71 22.47
CA PHE A 82 0.34 5.85 21.36
C PHE A 82 1.79 5.75 21.87
N ASP A 83 2.06 6.45 22.96
CA ASP A 83 3.39 6.43 23.57
C ASP A 83 3.74 5.03 24.07
N ARG A 84 2.74 4.28 24.56
CA ARG A 84 2.95 2.88 24.94
C ARG A 84 3.21 1.98 23.74
N LEU A 85 2.56 2.25 22.59
CA LEU A 85 2.87 1.48 21.40
C LEU A 85 4.33 1.64 21.06
N ILE A 86 4.79 2.88 21.11
CA ILE A 86 6.20 3.16 20.79
C ILE A 86 7.13 2.46 21.76
N SER A 87 6.84 2.55 23.05
CA SER A 87 7.70 1.94 24.07
CA SER A 87 7.71 1.95 24.06
C SER A 87 7.70 0.42 23.98
N GLU A 88 6.52 -0.17 23.76
CA GLU A 88 6.45 -1.64 23.66
C GLU A 88 7.09 -2.15 22.37
N MET A 89 7.01 -1.36 21.30
CA MET A 89 7.76 -1.71 20.09
C MET A 89 9.25 -1.65 20.36
N LYS A 90 9.65 -0.57 21.05
CA LYS A 90 11.09 -0.39 21.36
C LYS A 90 11.62 -1.59 22.16
N LYS A 91 10.83 -2.07 23.13
CA LYS A 91 11.23 -3.21 23.99
C LYS A 91 11.45 -4.40 23.13
N ARG A 92 10.76 -4.48 21.99
CA ARG A 92 10.87 -5.65 21.09
C ARG A 92 11.75 -5.37 19.87
N ASN A 93 12.46 -4.23 19.86
CA ASN A 93 13.37 -3.87 18.73
C ASN A 93 12.64 -3.79 17.42
N MET A 94 11.46 -3.20 17.47
CA MET A 94 10.67 -3.01 16.27
C MET A 94 10.57 -1.52 16.03
N ARG A 95 10.55 -1.11 14.76
CA ARG A 95 10.49 0.30 14.35
CA ARG A 95 10.36 0.32 14.54
C ARG A 95 9.12 0.71 13.80
N LEU A 96 8.68 1.94 14.12
CA LEU A 96 7.33 2.38 13.71
C LEU A 96 7.48 3.39 12.59
N MET A 97 6.73 3.15 11.53
CA MET A 97 6.45 4.12 10.47
C MET A 97 5.02 4.62 10.56
N ILE A 98 4.84 5.95 10.55
CA ILE A 98 3.51 6.53 10.57
C ILE A 98 3.21 7.19 9.23
N ASP A 99 1.93 7.48 9.03
CA ASP A 99 1.39 7.93 7.76
C ASP A 99 1.27 9.46 7.84
N ILE A 100 1.98 10.13 6.94
CA ILE A 100 2.01 11.58 6.88
C ILE A 100 1.09 12.02 5.74
N VAL A 101 0.03 12.75 6.14
CA VAL A 101 -1.02 13.13 5.22
C VAL A 101 -1.04 14.68 5.12
N ILE A 102 -0.21 15.23 4.24
CA ILE A 102 -0.06 16.69 4.18
C ILE A 102 -0.34 17.32 2.84
N ASN A 103 -0.97 16.56 1.93
CA ASN A 103 -1.56 17.13 0.71
C ASN A 103 -2.86 17.88 1.03
N HIS A 104 -3.50 17.54 2.15
CA HIS A 104 -4.83 18.04 2.46
C HIS A 104 -5.08 17.82 3.94
N THR A 105 -6.04 18.55 4.51
CA THR A 105 -6.47 18.30 5.88
C THR A 105 -7.99 18.02 5.76
N SER A 106 -8.62 17.70 6.89
CA SER A 106 -10.08 17.67 6.98
C SER A 106 -10.57 19.09 6.80
N ASP A 107 -11.79 19.22 6.30
CA ASP A 107 -12.42 20.56 6.26
C ASP A 107 -12.82 21.01 7.69
N GLN A 108 -12.62 20.14 8.69
CA GLN A 108 -12.86 20.49 10.09
C GLN A 108 -11.63 20.97 10.81
N HIS A 109 -10.45 20.84 10.19
CA HIS A 109 -9.22 21.31 10.77
C HIS A 109 -9.27 22.82 11.05
N ALA A 110 -8.71 23.27 12.18
CA ALA A 110 -8.67 24.73 12.51
C ALA A 110 -8.27 25.61 11.31
N TRP A 111 -7.27 25.20 10.51
CA TRP A 111 -6.81 26.08 9.49
C TRP A 111 -7.86 26.32 8.48
N PHE A 112 -8.70 25.29 8.21
CA PHE A 112 -9.68 25.43 7.15
C PHE A 112 -10.88 26.26 7.60
N VAL A 113 -11.33 26.00 8.81
CA VAL A 113 -12.43 26.76 9.44
C VAL A 113 -12.09 28.26 9.36
N GLN A 114 -10.83 28.60 9.65
CA GLN A 114 -10.44 30.02 9.54
C GLN A 114 -10.39 30.47 8.11
N SER A 115 -9.74 29.63 7.28
CA SER A 115 -9.57 29.93 5.88
C SER A 115 -10.89 30.30 5.20
N LYS A 116 -11.95 29.58 5.52
CA LYS A 116 -13.20 29.71 4.77
C LYS A 116 -14.03 30.86 5.29
N SER A 117 -13.62 31.42 6.44
CA SER A 117 -14.41 32.47 7.13
C SER A 117 -14.45 33.77 6.33
N GLY A 118 -13.43 34.00 5.50
CA GLY A 118 -13.40 35.14 4.56
C GLY A 118 -12.04 35.43 3.96
N LYS A 119 -12.06 36.22 2.89
CA LYS A 119 -10.83 36.57 2.19
C LYS A 119 -9.79 37.23 3.04
N ASN A 120 -10.20 37.87 4.14
CA ASN A 120 -9.23 38.63 4.97
C ASN A 120 -8.61 37.84 6.08
N ASN A 121 -9.16 36.66 6.33
CA ASN A 121 -8.56 35.77 7.31
C ASN A 121 -7.06 35.43 7.03
N PRO A 122 -6.22 35.44 8.07
CA PRO A 122 -4.82 35.06 7.99
C PRO A 122 -4.60 33.67 7.33
N TYR A 123 -5.59 32.78 7.39
CA TYR A 123 -5.46 31.40 6.83
C TYR A 123 -6.11 31.23 5.48
N ARG A 124 -6.53 32.35 4.87
CA ARG A 124 -7.22 32.25 3.61
C ARG A 124 -6.34 31.48 2.62
N ASP A 125 -5.07 31.84 2.56
CA ASP A 125 -4.19 31.32 1.51
C ASP A 125 -3.47 30.04 1.99
N TYR A 126 -4.02 29.39 2.99
CA TYR A 126 -3.53 28.05 3.33
C TYR A 126 -4.15 26.99 2.42
N TYR A 127 -5.22 27.38 1.68
CA TYR A 127 -5.97 26.49 0.78
C TYR A 127 -6.11 27.17 -0.58
N PHE A 128 -6.66 26.46 -1.58
CA PHE A 128 -6.85 27.07 -2.88
C PHE A 128 -8.29 27.54 -3.07
N TRP A 129 -8.46 28.87 -3.16
CA TRP A 129 -9.78 29.53 -3.34
C TRP A 129 -9.81 30.17 -4.68
N ARG A 130 -10.82 29.89 -5.50
CA ARG A 130 -10.88 30.48 -6.85
C ARG A 130 -12.33 30.83 -7.25
N ASP A 131 -12.51 31.88 -8.02
CA ASP A 131 -13.83 32.24 -8.53
C ASP A 131 -14.30 31.25 -9.56
N GLY A 132 -15.61 31.00 -9.52
CA GLY A 132 -16.36 30.32 -10.57
C GLY A 132 -16.13 30.88 -11.96
N LYS A 133 -16.51 30.11 -12.96
CA LYS A 133 -16.42 30.51 -14.36
C LYS A 133 -17.83 30.29 -14.91
N ASP A 134 -18.53 31.38 -15.23
CA ASP A 134 -19.92 31.31 -15.77
C ASP A 134 -20.93 30.63 -14.82
N GLY A 135 -20.82 30.87 -13.52
CA GLY A 135 -21.58 30.10 -12.52
C GLY A 135 -21.31 28.59 -12.53
N HIS A 136 -20.14 28.19 -13.05
CA HIS A 136 -19.64 26.82 -12.96
C HIS A 136 -18.32 26.82 -12.23
N ALA A 137 -17.76 25.63 -12.00
CA ALA A 137 -16.49 25.51 -11.31
C ALA A 137 -15.39 26.35 -12.01
N PRO A 138 -14.37 26.79 -11.23
CA PRO A 138 -13.24 27.50 -11.82
C PRO A 138 -12.64 26.77 -13.04
N ASN A 139 -12.67 25.43 -13.06
CA ASN A 139 -12.20 24.72 -14.28
C ASN A 139 -12.81 23.34 -14.27
N ASN A 140 -12.43 22.46 -15.20
CA ASN A 140 -13.08 21.14 -15.31
C ASN A 140 -12.39 20.01 -14.48
N TYR A 141 -11.59 20.37 -13.49
CA TYR A 141 -10.90 19.37 -12.66
C TYR A 141 -11.92 18.42 -12.01
N PRO A 142 -11.79 17.09 -12.23
CA PRO A 142 -12.60 16.15 -11.44
C PRO A 142 -11.87 15.69 -10.17
N SER A 143 -12.62 15.20 -9.21
CA SER A 143 -12.11 14.67 -7.95
C SER A 143 -11.92 13.20 -8.11
N PHE A 144 -10.83 12.63 -7.54
CA PHE A 144 -10.72 11.18 -7.35
C PHE A 144 -11.92 10.50 -6.67
N PHE A 145 -12.58 11.20 -5.76
CA PHE A 145 -13.65 10.63 -4.97
C PHE A 145 -15.02 11.09 -5.41
N GLY A 146 -15.09 11.66 -6.60
CA GLY A 146 -16.41 11.87 -7.23
C GLY A 146 -16.75 13.32 -7.50
N GLY A 147 -17.29 13.56 -8.70
CA GLY A 147 -17.72 14.91 -9.04
C GLY A 147 -16.55 15.83 -9.32
N SER A 148 -16.77 17.12 -9.09
CA SER A 148 -15.81 18.19 -9.36
C SER A 148 -14.80 18.21 -8.24
N ALA A 149 -13.55 18.56 -8.58
CA ALA A 149 -12.51 18.89 -7.57
C ALA A 149 -12.73 20.25 -6.94
N TRP A 150 -13.77 20.98 -7.34
CA TRP A 150 -14.02 22.31 -6.71
C TRP A 150 -15.31 22.38 -5.99
N GLU A 151 -15.28 22.78 -4.74
CA GLU A 151 -16.50 22.84 -3.94
C GLU A 151 -16.86 24.30 -3.66
N LYS A 152 -18.04 24.69 -4.11
CA LYS A 152 -18.56 26.07 -3.81
C LYS A 152 -18.79 26.37 -2.32
N ASP A 153 -18.21 27.46 -1.80
CA ASP A 153 -18.50 27.92 -0.45
C ASP A 153 -19.40 29.21 -0.44
N ASP A 154 -20.55 29.17 0.22
CA ASP A 154 -21.49 30.34 0.23
C ASP A 154 -21.03 31.56 1.04
N LYS A 155 -20.30 31.32 2.11
CA LYS A 155 -19.71 32.41 2.87
C LYS A 155 -19.00 33.38 1.90
N SER A 156 -18.07 32.86 1.10
CA SER A 156 -17.22 33.69 0.25
C SER A 156 -17.66 33.80 -1.19
N GLY A 157 -18.56 32.94 -1.66
CA GLY A 157 -18.85 32.86 -3.10
C GLY A 157 -17.72 32.26 -3.97
N GLN A 158 -16.61 31.85 -3.36
CA GLN A 158 -15.51 31.19 -4.14
C GLN A 158 -15.58 29.66 -4.01
N TYR A 159 -14.74 28.93 -4.76
CA TYR A 159 -14.72 27.45 -4.68
C TYR A 159 -13.37 27.10 -4.09
N TYR A 160 -13.32 26.05 -3.28
CA TYR A 160 -12.03 25.52 -2.79
C TYR A 160 -11.68 24.21 -3.51
N LEU A 161 -10.36 23.95 -3.62
CA LEU A 161 -9.91 22.80 -4.36
C LEU A 161 -9.86 21.54 -3.42
N HIS A 162 -10.36 20.41 -3.91
CA HIS A 162 -10.20 19.15 -3.23
C HIS A 162 -10.00 18.01 -4.25
N TYR A 163 -8.78 17.51 -4.36
CA TYR A 163 -8.50 16.41 -5.26
C TYR A 163 -9.23 15.17 -4.71
N PHE A 164 -9.30 15.05 -3.40
CA PHE A 164 -9.98 13.88 -2.83
C PHE A 164 -11.38 14.29 -2.34
N ALA A 165 -11.80 13.91 -1.14
CA ALA A 165 -13.25 14.18 -0.83
C ALA A 165 -13.48 15.69 -0.67
N LYS A 166 -14.72 16.13 -0.75
CA LYS A 166 -15.05 17.52 -0.37
C LYS A 166 -14.44 17.87 0.97
N GLN A 167 -14.47 16.88 1.88
CA GLN A 167 -13.96 17.04 3.21
C GLN A 167 -12.44 16.95 3.37
N GLN A 168 -11.70 16.98 2.26
CA GLN A 168 -10.22 16.92 2.22
C GLN A 168 -9.67 18.09 1.38
N PRO A 169 -9.92 19.35 1.81
CA PRO A 169 -9.38 20.50 1.07
C PRO A 169 -7.83 20.47 0.98
N ASP A 170 -7.30 20.67 -0.23
CA ASP A 170 -5.87 20.62 -0.50
C ASP A 170 -5.17 21.83 0.07
N LEU A 171 -4.07 21.54 0.76
CA LEU A 171 -3.20 22.56 1.39
C LEU A 171 -2.35 23.29 0.32
N ASN A 172 -2.16 24.61 0.48
CA ASN A 172 -1.41 25.44 -0.45
C ASN A 172 0.08 25.44 -0.14
N TRP A 173 0.83 24.53 -0.80
CA TRP A 173 2.27 24.42 -0.56
C TRP A 173 3.04 25.57 -1.15
N ASP A 174 2.45 26.35 -2.06
CA ASP A 174 3.09 27.59 -2.55
C ASP A 174 3.23 28.67 -1.46
N ASN A 175 2.52 28.50 -0.36
CA ASN A 175 2.58 29.45 0.74
C ASN A 175 3.66 29.00 1.70
N PRO A 176 4.77 29.77 1.85
CA PRO A 176 5.83 29.26 2.74
C PRO A 176 5.39 29.03 4.15
N LYS A 177 4.42 29.82 4.63
CA LYS A 177 3.92 29.66 6.00
C LYS A 177 3.26 28.30 6.16
N VAL A 178 2.58 27.82 5.10
CA VAL A 178 2.01 26.43 5.17
C VAL A 178 3.13 25.39 5.37
N ARG A 179 4.13 25.42 4.50
CA ARG A 179 5.22 24.47 4.64
C ARG A 179 5.85 24.52 6.00
N GLN A 180 6.11 25.74 6.53
CA GLN A 180 6.67 25.83 7.90
C GLN A 180 5.81 25.22 8.97
N ASP A 181 4.51 25.39 8.87
CA ASP A 181 3.61 24.78 9.87
C ASP A 181 3.68 23.26 9.75
N LEU A 182 3.69 22.77 8.52
CA LEU A 182 3.68 21.34 8.33
C LEU A 182 5.02 20.79 8.86
N TYR A 183 6.14 21.47 8.60
CA TYR A 183 7.43 21.01 9.17
C TYR A 183 7.41 20.95 10.69
N ASP A 184 6.80 21.95 11.34
CA ASP A 184 6.77 21.94 12.81
C ASP A 184 5.94 20.74 13.21
N MET A 185 4.90 20.45 12.42
CA MET A 185 4.03 19.27 12.77
C MET A 185 4.84 17.96 12.66
N LEU A 186 5.66 17.82 11.60
CA LEU A 186 6.46 16.61 11.48
C LEU A 186 7.46 16.47 12.67
N ARG A 187 8.10 17.60 13.03
CA ARG A 187 9.03 17.56 14.20
C ARG A 187 8.32 17.08 15.46
N PHE A 188 7.05 17.50 15.63
CA PHE A 188 6.28 17.01 16.82
C PHE A 188 6.28 15.47 16.89
N TRP A 189 5.93 14.81 15.77
CA TRP A 189 6.02 13.32 15.68
C TRP A 189 7.38 12.71 15.70
N LEU A 190 8.30 13.30 14.94
CA LEU A 190 9.69 12.77 14.85
C LEU A 190 10.36 12.85 16.21
N ASP A 191 10.02 13.91 16.96
CA ASP A 191 10.62 14.06 18.28
C ASP A 191 10.21 12.95 19.23
N LYS A 192 9.13 12.25 18.91
CA LYS A 192 8.75 11.10 19.75
C LYS A 192 9.47 9.80 19.36
N GLY A 193 10.42 9.84 18.44
CA GLY A 193 11.24 8.65 18.19
C GLY A 193 10.66 7.70 17.12
N VAL A 194 9.66 8.14 16.36
CA VAL A 194 9.17 7.39 15.24
C VAL A 194 10.34 7.15 14.24
N SER A 195 10.42 5.94 13.67
CA SER A 195 11.56 5.58 12.80
C SER A 195 11.29 5.79 11.30
N GLY A 196 10.04 5.98 10.93
CA GLY A 196 9.69 6.06 9.52
C GLY A 196 8.50 7.00 9.26
N LEU A 197 8.50 7.59 8.06
CA LEU A 197 7.36 8.39 7.57
C LEU A 197 6.94 7.88 6.21
N ARG A 198 5.64 7.60 6.03
CA ARG A 198 5.09 7.22 4.73
C ARG A 198 4.26 8.43 4.24
N PHE A 199 4.72 9.06 3.16
CA PHE A 199 4.04 10.28 2.65
C PHE A 199 2.93 9.95 1.68
N ASP A 200 1.72 10.20 2.18
CA ASP A 200 0.49 10.03 1.47
C ASP A 200 0.41 10.95 0.23
N THR A 201 -0.02 10.42 -0.89
CA THR A 201 -0.07 11.14 -2.17
C THR A 201 0.95 12.30 -2.30
N VAL A 202 2.24 11.95 -2.15
CA VAL A 202 3.33 12.88 -2.05
C VAL A 202 3.53 13.68 -3.35
N ALA A 203 3.05 13.15 -4.47
CA ALA A 203 3.34 13.79 -5.73
C ALA A 203 2.35 14.93 -6.11
N THR A 204 1.32 15.18 -5.30
CA THR A 204 0.31 16.19 -5.72
C THR A 204 0.44 17.54 -4.98
N TYR A 205 1.48 17.69 -4.14
CA TYR A 205 1.63 18.91 -3.31
C TYR A 205 1.70 20.20 -4.13
N SER A 206 2.32 20.12 -5.30
CA SER A 206 2.49 21.30 -6.18
C SER A 206 1.39 21.35 -7.21
N LYS A 207 0.59 22.42 -7.16
CA LYS A 207 -0.52 22.66 -8.06
C LYS A 207 -0.11 23.36 -9.39
N ILE A 208 -0.92 23.28 -10.42
CA ILE A 208 -0.48 23.76 -11.76
C ILE A 208 -0.82 25.27 -11.78
N PRO A 209 0.20 26.10 -12.06
CA PRO A 209 0.00 27.54 -12.15
C PRO A 209 -1.20 27.87 -13.01
N ASN A 210 -2.05 28.73 -12.46
CA ASN A 210 -3.24 29.26 -13.14
C ASN A 210 -4.35 28.24 -13.41
N PHE A 211 -4.25 27.01 -12.89
CA PHE A 211 -5.34 26.05 -13.05
C PHE A 211 -6.05 25.98 -14.45
N PRO A 212 -5.31 25.76 -15.58
CA PRO A 212 -6.02 25.63 -16.90
C PRO A 212 -6.91 24.39 -16.96
N ASP A 213 -7.96 24.43 -17.78
CA ASP A 213 -8.77 23.23 -18.00
C ASP A 213 -7.91 22.07 -18.47
N LEU A 214 -8.34 20.86 -18.19
CA LEU A 214 -7.71 19.67 -18.74
C LEU A 214 -8.31 19.44 -20.12
N SER A 215 -7.52 18.95 -21.07
CA SER A 215 -8.06 18.61 -22.39
C SER A 215 -9.01 17.44 -22.19
N GLN A 216 -9.75 17.08 -23.25
CA GLN A 216 -10.65 15.93 -23.22
C GLN A 216 -9.85 14.67 -22.91
N GLN A 217 -8.73 14.53 -23.59
CA GLN A 217 -7.86 13.39 -23.38
C GLN A 217 -7.35 13.36 -21.95
N GLN A 218 -6.85 14.49 -21.41
CA GLN A 218 -6.38 14.56 -20.02
C GLN A 218 -7.43 14.13 -18.98
N LEU A 219 -8.72 14.40 -19.25
CA LEU A 219 -9.79 14.01 -18.31
C LEU A 219 -9.88 12.48 -18.13
N LYS A 220 -9.39 11.73 -19.12
CA LYS A 220 -9.36 10.26 -19.08
C LYS A 220 -8.17 9.70 -18.30
N ASN A 221 -7.29 10.56 -17.88
CA ASN A 221 -6.11 10.14 -17.19
C ASN A 221 -5.58 11.29 -16.35
N PHE A 222 -6.44 11.87 -15.50
CA PHE A 222 -6.12 13.16 -14.89
C PHE A 222 -5.16 13.09 -13.73
N ALA A 223 -5.08 11.94 -13.06
CA ALA A 223 -4.11 11.77 -11.99
C ALA A 223 -2.73 12.23 -12.49
N GLU A 224 -2.37 11.91 -13.75
CA GLU A 224 -1.04 12.27 -14.20
C GLU A 224 -0.86 13.76 -14.39
N GLU A 225 -1.94 14.48 -14.70
CA GLU A 225 -1.83 15.94 -14.81
C GLU A 225 -1.59 16.62 -13.45
N TYR A 226 -2.18 16.08 -12.39
CA TYR A 226 -2.01 16.66 -11.06
C TYR A 226 -0.61 16.41 -10.41
N THR A 227 0.21 15.55 -11.02
CA THR A 227 1.56 15.31 -10.52
C THR A 227 2.55 16.14 -11.32
N LYS A 228 2.07 16.91 -12.27
CA LYS A 228 2.95 17.74 -13.09
C LYS A 228 3.25 19.11 -12.48
N GLY A 229 2.90 19.35 -11.22
CA GLY A 229 3.20 20.66 -10.57
C GLY A 229 4.68 21.04 -10.65
N PRO A 230 5.02 22.30 -10.99
CA PRO A 230 6.44 22.65 -11.26
C PRO A 230 7.36 22.62 -10.07
N LYS A 231 6.82 22.64 -8.86
CA LYS A 231 7.67 22.80 -7.71
C LYS A 231 7.71 21.57 -6.80
N ILE A 232 7.17 20.44 -7.25
CA ILE A 232 7.02 19.25 -6.40
C ILE A 232 8.40 18.84 -5.84
N HIS A 233 9.42 18.72 -6.69
CA HIS A 233 10.74 18.37 -6.17
C HIS A 233 11.43 19.44 -5.33
N ASP A 234 11.27 20.72 -5.67
CA ASP A 234 11.69 21.80 -4.74
C ASP A 234 11.07 21.59 -3.34
N TYR A 235 9.78 21.30 -3.28
CA TYR A 235 9.11 21.18 -1.99
C TYR A 235 9.57 19.93 -1.24
N VAL A 236 9.60 18.76 -1.91
CA VAL A 236 10.10 17.54 -1.24
C VAL A 236 11.57 17.67 -0.76
N ASN A 237 12.44 18.20 -1.59
CA ASN A 237 13.82 18.43 -1.16
C ASN A 237 13.87 19.48 -0.07
N GLU A 238 13.03 20.50 -0.12
CA GLU A 238 13.15 21.48 0.94
C GLU A 238 12.72 20.80 2.27
N MET A 239 11.69 19.97 2.19
CA MET A 239 11.26 19.23 3.39
C MET A 239 12.36 18.31 3.87
N ASN A 240 13.09 17.68 2.96
CA ASN A 240 14.28 16.91 3.37
C ASN A 240 15.37 17.74 4.11
N ARG A 241 15.75 18.85 3.49
CA ARG A 241 16.80 19.76 4.06
C ARG A 241 16.42 20.31 5.42
N GLU A 242 15.15 20.69 5.62
CA GLU A 242 14.77 21.42 6.82
C GLU A 242 14.28 20.46 7.92
N VAL A 243 13.82 19.26 7.52
CA VAL A 243 13.28 18.31 8.53
C VAL A 243 13.88 16.92 8.44
N LEU A 244 13.71 16.23 7.29
CA LEU A 244 13.93 14.78 7.24
C LEU A 244 15.36 14.38 7.49
N SER A 245 16.30 15.20 6.96
CA SER A 245 17.74 14.95 7.09
C SER A 245 18.25 15.26 8.49
N HIS A 246 17.41 15.82 9.35
CA HIS A 246 17.81 16.10 10.71
C HIS A 246 17.46 14.99 11.65
N TYR A 247 16.75 13.98 11.16
CA TYR A 247 16.37 12.86 11.99
C TYR A 247 16.95 11.57 11.39
N ASP A 248 16.80 10.43 12.09
CA ASP A 248 17.40 9.19 11.60
C ASP A 248 16.18 8.32 11.21
N ILE A 249 15.65 8.48 9.99
CA ILE A 249 14.35 7.85 9.61
C ILE A 249 14.40 7.29 8.20
N ALA A 250 13.44 6.43 7.86
CA ALA A 250 13.25 5.93 6.50
C ALA A 250 11.99 6.59 6.04
N THR A 251 11.96 7.01 4.78
CA THR A 251 10.77 7.70 4.30
C THR A 251 10.31 7.00 3.01
N ALA A 252 9.00 6.77 2.93
CA ALA A 252 8.36 6.21 1.76
C ALA A 252 7.45 7.28 1.10
N GLY A 253 7.33 7.24 -0.23
CA GLY A 253 6.42 8.13 -0.93
C GLY A 253 5.36 7.40 -1.74
N GLU A 254 4.09 7.65 -1.39
CA GLU A 254 2.98 7.12 -2.16
C GLU A 254 2.89 8.01 -3.41
N ILE A 255 3.45 7.54 -4.54
CA ILE A 255 3.47 8.35 -5.75
C ILE A 255 2.32 8.02 -6.70
N PHE A 256 1.11 8.31 -6.24
CA PHE A 256 -0.05 8.09 -7.07
C PHE A 256 -0.12 9.06 -8.25
N GLY A 257 -0.35 8.51 -9.44
CA GLY A 257 -0.51 9.34 -10.65
C GLY A 257 0.84 9.66 -11.32
N VAL A 258 1.96 9.21 -10.75
CA VAL A 258 3.31 9.53 -11.37
C VAL A 258 3.63 8.41 -12.40
N PRO A 259 3.95 8.77 -13.65
CA PRO A 259 4.40 7.79 -14.64
C PRO A 259 5.72 7.20 -14.13
N LEU A 260 5.95 5.92 -14.36
CA LEU A 260 7.08 5.24 -13.75
C LEU A 260 8.40 5.94 -14.08
N ASP A 261 8.51 6.51 -15.28
CA ASP A 261 9.77 7.10 -15.67
C ASP A 261 10.03 8.48 -14.92
N LYS A 262 9.01 9.07 -14.32
CA LYS A 262 9.24 10.20 -13.46
C LYS A 262 9.47 9.84 -11.97
N SER A 263 9.29 8.58 -11.61
CA SER A 263 9.28 8.24 -10.20
C SER A 263 10.66 8.43 -9.55
N ILE A 264 11.74 8.21 -10.32
CA ILE A 264 13.13 8.14 -9.75
C ILE A 264 13.55 9.43 -9.08
N LYS A 265 13.05 10.54 -9.58
CA LYS A 265 13.44 11.83 -8.99
C LYS A 265 13.02 11.93 -7.52
N PHE A 266 11.99 11.19 -7.11
CA PHE A 266 11.59 11.27 -5.70
C PHE A 266 12.53 10.43 -4.80
N PHE A 267 13.21 9.44 -5.37
CA PHE A 267 13.88 8.39 -4.55
C PHE A 267 15.39 8.21 -4.81
N ASP A 268 15.91 8.77 -5.89
CA ASP A 268 17.38 8.75 -6.16
C ASP A 268 18.09 9.27 -4.90
N ARG A 269 18.94 8.45 -4.26
CA ARG A 269 19.54 8.94 -2.98
C ARG A 269 20.30 10.24 -3.20
N ARG A 270 20.83 10.45 -4.40
CA ARG A 270 21.62 11.65 -4.59
C ARG A 270 20.73 12.88 -4.61
N ARG A 271 19.40 12.71 -4.76
CA ARG A 271 18.52 13.88 -4.74
C ARG A 271 18.05 14.39 -3.39
N ASN A 272 18.38 13.68 -2.31
CA ASN A 272 17.91 14.10 -0.99
C ASN A 272 16.43 14.47 -1.04
N GLU A 273 15.64 13.47 -1.42
CA GLU A 273 14.21 13.57 -1.37
C GLU A 273 13.70 12.47 -0.45
N LEU A 274 13.24 11.31 -0.95
CA LEU A 274 12.69 10.24 -0.07
C LEU A 274 13.49 8.94 -0.28
N ASN A 275 13.18 7.91 0.49
CA ASN A 275 13.98 6.65 0.43
C ASN A 275 13.36 5.58 -0.39
N ILE A 276 12.05 5.38 -0.21
CA ILE A 276 11.40 4.16 -0.62
C ILE A 276 10.22 4.43 -1.57
N ALA A 277 10.21 3.84 -2.76
CA ALA A 277 9.08 4.12 -3.71
C ALA A 277 7.90 3.21 -3.48
N PHE A 278 6.68 3.77 -3.26
CA PHE A 278 5.40 3.01 -3.37
C PHE A 278 4.87 3.30 -4.76
N THR A 279 5.04 2.36 -5.70
CA THR A 279 4.54 2.61 -7.06
C THR A 279 3.19 1.91 -7.27
N PHE A 280 2.42 2.38 -8.25
CA PHE A 280 1.12 1.75 -8.52
C PHE A 280 1.18 0.82 -9.76
N ASP A 281 2.30 0.81 -10.47
CA ASP A 281 2.33 0.11 -11.78
C ASP A 281 1.92 -1.35 -11.72
N LEU A 282 2.49 -2.10 -10.78
CA LEU A 282 2.18 -3.54 -10.70
C LEU A 282 0.84 -3.75 -10.06
N ILE A 283 0.63 -3.12 -8.92
CA ILE A 283 -0.58 -3.43 -8.14
C ILE A 283 -1.88 -3.10 -8.89
N ARG A 284 -1.87 -2.06 -9.75
CA ARG A 284 -3.03 -1.76 -10.61
C ARG A 284 -2.76 -2.01 -12.09
N LEU A 285 -1.97 -3.03 -12.43
CA LEU A 285 -1.67 -3.30 -13.86
C LEU A 285 -2.92 -3.56 -14.66
N ASP A 286 -3.94 -4.08 -13.98
CA ASP A 286 -5.14 -4.53 -14.68
C ASP A 286 -6.30 -3.50 -14.50
N ARG A 287 -6.01 -2.26 -14.07
CA ARG A 287 -7.03 -1.30 -13.78
C ARG A 287 -7.15 -0.33 -14.98
N ASP A 288 -8.39 -0.07 -15.43
CA ASP A 288 -8.63 0.96 -16.46
C ASP A 288 -8.13 2.36 -15.98
N ALA A 289 -7.40 3.09 -16.80
CA ALA A 289 -6.87 4.42 -16.34
C ALA A 289 -7.97 5.49 -16.31
N ASP A 290 -9.03 5.30 -17.07
CA ASP A 290 -10.16 6.27 -17.14
C ASP A 290 -11.23 5.90 -16.09
N GLU A 291 -11.74 4.69 -16.22
CA GLU A 291 -12.76 4.19 -15.29
C GLU A 291 -12.03 3.36 -14.23
N ARG A 292 -11.50 4.09 -13.26
CA ARG A 292 -10.51 3.53 -12.34
C ARG A 292 -11.04 2.45 -11.38
N TRP A 293 -12.34 2.24 -11.37
CA TRP A 293 -13.02 1.11 -10.68
C TRP A 293 -13.10 -0.16 -11.51
N ARG A 294 -12.81 -0.08 -12.81
CA ARG A 294 -12.99 -1.23 -13.73
C ARG A 294 -11.71 -1.98 -13.86
N ARG A 295 -11.77 -3.30 -13.84
CA ARG A 295 -10.60 -4.08 -14.10
C ARG A 295 -10.72 -4.78 -15.48
N LYS A 296 -9.62 -5.41 -15.92
CA LYS A 296 -9.56 -6.12 -17.17
C LYS A 296 -8.62 -7.28 -17.04
N ASP A 297 -8.67 -8.22 -18.00
CA ASP A 297 -7.80 -9.39 -17.89
C ASP A 297 -6.33 -8.97 -17.91
N TRP A 298 -5.46 -9.73 -17.25
CA TRP A 298 -3.98 -9.45 -17.30
C TRP A 298 -3.33 -10.77 -17.45
N THR A 299 -2.10 -10.78 -17.89
CA THR A 299 -1.39 -12.05 -17.96
C THR A 299 -0.10 -12.01 -17.14
N LEU A 300 0.46 -13.19 -16.89
CA LEU A 300 1.79 -13.24 -16.18
C LEU A 300 2.90 -12.47 -16.93
N SER A 301 2.97 -12.59 -18.25
CA SER A 301 3.99 -11.85 -18.99
C SER A 301 3.82 -10.33 -18.75
N GLN A 302 2.59 -9.85 -18.75
CA GLN A 302 2.31 -8.44 -18.43
CA GLN A 302 2.29 -8.44 -18.44
C GLN A 302 2.81 -8.07 -17.03
N PHE A 303 2.43 -8.88 -16.07
CA PHE A 303 2.84 -8.71 -14.66
C PHE A 303 4.36 -8.68 -14.54
N ARG A 304 5.07 -9.70 -15.06
CA ARG A 304 6.49 -9.78 -14.85
C ARG A 304 7.25 -8.67 -15.58
N LYS A 305 6.74 -8.22 -16.74
CA LYS A 305 7.38 -7.12 -17.47
C LYS A 305 7.37 -5.83 -16.66
N ILE A 306 6.27 -5.62 -15.94
CA ILE A 306 6.22 -4.48 -15.03
C ILE A 306 7.21 -4.64 -13.82
N VAL A 307 7.22 -5.82 -13.19
CA VAL A 307 8.18 -6.09 -12.09
C VAL A 307 9.58 -5.63 -12.59
N ASP A 308 9.91 -6.03 -13.80
CA ASP A 308 11.31 -5.81 -14.37
C ASP A 308 11.56 -4.34 -14.55
N LYS A 309 10.58 -3.69 -15.20
CA LYS A 309 10.66 -2.26 -15.45
C LYS A 309 10.75 -1.40 -14.13
N VAL A 310 9.93 -1.77 -13.11
CA VAL A 310 9.97 -1.10 -11.84
C VAL A 310 11.35 -1.31 -11.17
N ASP A 311 11.85 -2.55 -11.23
CA ASP A 311 13.20 -2.85 -10.72
C ASP A 311 14.29 -2.08 -11.46
N GLN A 312 14.21 -2.05 -12.79
CA GLN A 312 15.19 -1.25 -13.60
C GLN A 312 15.14 0.26 -13.33
N THR A 313 13.94 0.80 -13.22
CA THR A 313 13.77 2.21 -12.86
C THR A 313 14.42 2.68 -11.57
N ALA A 314 14.26 1.91 -10.50
CA ALA A 314 14.97 2.23 -9.25
C ALA A 314 16.50 2.19 -9.51
N GLY A 315 16.92 1.19 -10.26
CA GLY A 315 18.28 1.11 -10.76
C GLY A 315 19.28 1.15 -9.64
N GLU A 316 20.39 1.84 -9.84
CA GLU A 316 21.44 1.85 -8.83
C GLU A 316 21.14 2.74 -7.60
N TYR A 317 20.57 3.92 -7.83
CA TYR A 317 20.42 4.93 -6.82
C TYR A 317 19.07 5.08 -6.10
N GLY A 318 17.99 4.56 -6.66
CA GLY A 318 16.67 4.55 -5.97
C GLY A 318 16.43 3.28 -5.18
N TRP A 319 15.22 3.13 -4.63
CA TRP A 319 14.91 1.89 -3.94
C TRP A 319 13.39 1.69 -3.98
N ASN A 320 12.94 0.44 -4.16
CA ASN A 320 11.49 0.13 -4.20
C ASN A 320 10.96 -0.44 -2.88
N ALA A 321 9.70 -0.13 -2.55
CA ALA A 321 8.90 -1.04 -1.71
C ALA A 321 8.33 -2.09 -2.66
N PHE A 322 8.09 -3.33 -2.20
CA PHE A 322 7.37 -4.29 -3.05
C PHE A 322 6.17 -4.78 -2.25
N PHE A 323 4.97 -4.72 -2.84
CA PHE A 323 3.76 -5.26 -2.16
C PHE A 323 2.74 -5.63 -3.22
N LEU A 324 1.86 -6.56 -2.87
CA LEU A 324 0.90 -7.08 -3.83
C LEU A 324 -0.52 -6.70 -3.41
N ASP A 325 -0.63 -6.19 -2.20
CA ASP A 325 -1.91 -5.64 -1.69
C ASP A 325 -1.61 -4.66 -0.56
N ASN A 326 -2.65 -4.03 -0.04
CA ASN A 326 -2.54 -3.06 1.04
C ASN A 326 -3.98 -2.61 1.31
N HIS A 327 -4.19 -1.54 2.08
CA HIS A 327 -5.54 -1.09 2.40
C HIS A 327 -6.28 -0.42 1.24
N ASP A 328 -5.62 -0.30 0.09
CA ASP A 328 -6.27 0.40 -1.05
C ASP A 328 -6.52 -0.52 -2.21
N ASN A 329 -6.32 -1.81 -1.99
CA ASN A 329 -6.32 -2.77 -3.10
C ASN A 329 -6.89 -4.11 -2.71
N PRO A 330 -7.41 -4.87 -3.69
CA PRO A 330 -7.91 -6.22 -3.31
C PRO A 330 -6.82 -7.14 -2.74
N ARG A 331 -7.22 -8.16 -2.00
CA ARG A 331 -6.23 -9.08 -1.39
C ARG A 331 -5.44 -9.88 -2.46
N ALA A 332 -4.13 -10.00 -2.22
CA ALA A 332 -3.16 -10.56 -3.15
C ALA A 332 -3.62 -11.94 -3.65
N VAL A 333 -4.01 -12.81 -2.70
CA VAL A 333 -4.35 -14.22 -3.09
C VAL A 333 -5.56 -14.27 -4.02
N SER A 334 -6.49 -13.32 -3.87
CA SER A 334 -7.66 -13.25 -4.73
C SER A 334 -7.28 -12.57 -6.06
N HIS A 335 -6.56 -11.45 -5.98
CA HIS A 335 -6.28 -10.68 -7.15
C HIS A 335 -5.20 -11.36 -7.98
N PHE A 336 -4.09 -11.76 -7.36
CA PHE A 336 -2.95 -12.29 -8.14
C PHE A 336 -2.82 -13.82 -8.12
N GLY A 337 -3.60 -14.45 -7.26
CA GLY A 337 -3.52 -15.89 -7.04
C GLY A 337 -4.81 -16.58 -7.42
N ASP A 338 -5.08 -17.73 -6.81
CA ASP A 338 -6.39 -18.36 -7.04
C ASP A 338 -6.92 -18.60 -5.64
N ASP A 339 -8.01 -17.94 -5.24
CA ASP A 339 -8.43 -18.02 -3.85
C ASP A 339 -9.42 -19.14 -3.59
N ARG A 340 -9.62 -20.05 -4.54
CA ARG A 340 -10.54 -21.20 -4.33
C ARG A 340 -9.87 -22.17 -3.33
N PRO A 341 -10.68 -22.94 -2.58
CA PRO A 341 -10.17 -23.78 -1.49
C PRO A 341 -9.03 -24.69 -1.89
N GLN A 342 -9.02 -25.22 -3.13
CA GLN A 342 -8.01 -26.20 -3.52
C GLN A 342 -6.65 -25.52 -3.72
N TRP A 343 -6.67 -24.23 -4.07
CA TRP A 343 -5.44 -23.53 -4.36
C TRP A 343 -5.04 -22.41 -3.45
N ARG A 344 -5.95 -21.90 -2.62
CA ARG A 344 -5.67 -20.70 -1.89
C ARG A 344 -4.34 -20.74 -1.15
N GLU A 345 -4.12 -21.76 -0.34
CA GLU A 345 -2.90 -21.83 0.47
C GLU A 345 -1.67 -21.96 -0.38
N HIS A 346 -1.72 -22.79 -1.44
CA HIS A 346 -0.53 -22.87 -2.32
C HIS A 346 -0.26 -21.54 -2.99
N ALA A 347 -1.29 -20.84 -3.47
CA ALA A 347 -1.07 -19.59 -4.17
C ALA A 347 -0.60 -18.55 -3.18
N ALA A 348 -1.18 -18.51 -1.98
CA ALA A 348 -0.69 -17.52 -1.01
C ALA A 348 0.82 -17.72 -0.76
N LYS A 349 1.25 -18.97 -0.65
CA LYS A 349 2.65 -19.25 -0.34
C LYS A 349 3.52 -18.93 -1.57
N ALA A 350 2.95 -19.08 -2.77
CA ALA A 350 3.68 -18.75 -4.01
C ALA A 350 3.93 -17.24 -4.03
N LEU A 351 2.86 -16.48 -3.78
CA LEU A 351 2.96 -15.01 -3.72
C LEU A 351 3.82 -14.52 -2.59
N ALA A 352 3.80 -15.18 -1.42
CA ALA A 352 4.73 -14.81 -0.34
C ALA A 352 6.19 -14.95 -0.86
N THR A 353 6.45 -16.07 -1.54
CA THR A 353 7.79 -16.38 -2.04
C THR A 353 8.26 -15.25 -2.99
N LEU A 354 7.37 -14.87 -3.91
CA LEU A 354 7.63 -13.81 -4.85
C LEU A 354 7.96 -12.48 -4.12
N THR A 355 7.07 -12.05 -3.21
CA THR A 355 7.25 -10.87 -2.37
C THR A 355 8.56 -10.84 -1.62
N LEU A 356 8.94 -11.97 -1.02
CA LEU A 356 10.10 -12.00 -0.09
C LEU A 356 11.38 -12.33 -0.86
N THR A 357 11.33 -12.33 -2.19
CA THR A 357 12.54 -12.45 -2.99
C THR A 357 12.71 -11.37 -4.05
N GLN A 358 12.21 -10.19 -3.74
CA GLN A 358 12.39 -9.02 -4.60
C GLN A 358 13.49 -8.11 -4.11
N ARG A 359 14.09 -7.36 -5.05
CA ARG A 359 15.14 -6.41 -4.75
C ARG A 359 14.49 -5.09 -4.32
N ALA A 360 14.01 -5.06 -3.07
CA ALA A 360 13.04 -4.10 -2.59
C ALA A 360 12.77 -4.36 -1.11
N THR A 361 12.14 -3.41 -0.44
CA THR A 361 11.72 -3.59 0.94
C THR A 361 10.31 -4.15 0.84
N PRO A 362 10.10 -5.40 1.27
CA PRO A 362 8.78 -6.04 1.16
C PRO A 362 7.87 -5.43 2.23
N PHE A 363 6.60 -5.23 1.89
CA PHE A 363 5.58 -4.79 2.87
C PHE A 363 4.47 -5.86 2.87
N ILE A 364 4.21 -6.46 4.02
CA ILE A 364 3.21 -7.53 4.19
C ILE A 364 2.01 -6.83 4.81
N TYR A 365 0.86 -6.90 4.16
CA TYR A 365 -0.35 -6.20 4.67
C TYR A 365 -1.10 -7.15 5.57
N GLN A 366 -1.61 -6.63 6.68
CA GLN A 366 -2.24 -7.46 7.73
C GLN A 366 -3.23 -8.46 7.18
N GLY A 367 -3.04 -9.73 7.57
CA GLY A 367 -3.93 -10.80 7.15
C GLY A 367 -3.48 -11.54 5.92
N SER A 368 -2.63 -10.92 5.07
N SER A 368 -2.62 -10.96 5.07
CA SER A 368 -2.05 -11.62 3.92
CA SER A 368 -2.12 -11.74 3.95
C SER A 368 -1.21 -12.84 4.36
C SER A 368 -1.22 -12.88 4.37
N GLU A 369 -0.63 -12.78 5.56
CA GLU A 369 0.19 -13.86 6.09
C GLU A 369 -0.69 -15.09 6.48
N LEU A 370 -2.01 -14.95 6.40
CA LEU A 370 -2.92 -16.03 6.65
C LEU A 370 -3.56 -16.50 5.36
N GLY A 371 -3.36 -15.73 4.27
CA GLY A 371 -4.03 -15.97 2.98
C GLY A 371 -5.52 -15.54 3.05
N MET A 372 -5.81 -14.49 3.82
CA MET A 372 -7.12 -13.82 3.76
C MET A 372 -7.50 -13.45 2.32
N THR A 373 -8.82 -13.50 2.02
CA THR A 373 -9.28 -13.32 0.61
C THR A 373 -10.11 -12.05 0.48
N ASN A 374 -10.43 -11.69 -0.76
CA ASN A 374 -11.52 -10.72 -0.99
C ASN A 374 -12.77 -11.13 -0.24
N TYR A 375 -13.65 -10.14 -0.04
CA TYR A 375 -14.91 -10.34 0.67
C TYR A 375 -16.08 -10.38 -0.32
N PRO A 376 -17.04 -11.31 -0.11
CA PRO A 376 -18.07 -11.41 -1.15
C PRO A 376 -19.15 -10.30 -1.05
N PHE A 377 -18.78 -9.06 -1.41
CA PHE A 377 -19.80 -7.96 -1.37
C PHE A 377 -20.92 -8.25 -2.39
N LYS A 378 -22.16 -8.00 -1.99
CA LYS A 378 -23.29 -8.21 -2.92
C LYS A 378 -23.90 -6.90 -3.41
N LYS A 379 -24.28 -5.98 -2.53
CA LYS A 379 -24.97 -4.77 -2.98
C LYS A 379 -24.15 -3.56 -2.64
N ILE A 380 -24.41 -2.38 -3.25
CA ILE A 380 -23.63 -1.17 -2.95
C ILE A 380 -23.60 -0.86 -1.45
N ASP A 381 -24.69 -1.11 -0.76
CA ASP A 381 -24.74 -0.84 0.68
C ASP A 381 -23.79 -1.71 1.52
N ASP A 382 -23.29 -2.79 0.96
CA ASP A 382 -22.35 -3.66 1.68
C ASP A 382 -20.93 -3.00 1.78
N PHE A 383 -20.68 -1.99 0.94
CA PHE A 383 -19.40 -1.25 0.95
C PHE A 383 -19.47 -0.10 1.94
N ASP A 384 -18.33 0.24 2.53
CA ASP A 384 -18.19 1.42 3.35
C ASP A 384 -17.49 2.57 2.60
N ASP A 385 -16.52 2.22 1.76
CA ASP A 385 -15.53 3.18 1.24
C ASP A 385 -16.10 4.40 0.50
N VAL A 386 -15.82 5.59 0.99
CA VAL A 386 -16.22 6.84 0.31
C VAL A 386 -15.81 6.75 -1.18
N GLU A 387 -14.68 6.09 -1.51
CA GLU A 387 -14.22 6.12 -2.91
C GLU A 387 -15.20 5.35 -3.82
N VAL A 388 -15.67 4.19 -3.34
CA VAL A 388 -16.55 3.38 -4.18
C VAL A 388 -17.91 4.09 -4.34
N LYS A 389 -18.32 4.83 -3.31
CA LYS A 389 -19.55 5.57 -3.37
C LYS A 389 -19.44 6.71 -4.40
N GLY A 390 -18.27 7.34 -4.45
CA GLY A 390 -17.94 8.31 -5.49
C GLY A 390 -18.03 7.76 -6.90
N PHE A 391 -17.48 6.56 -7.12
CA PHE A 391 -17.53 5.92 -8.43
C PHE A 391 -19.00 5.57 -8.72
N TRP A 392 -19.70 5.05 -7.72
CA TRP A 392 -21.13 4.73 -7.91
C TRP A 392 -21.94 5.95 -8.36
N GLN A 393 -21.73 7.07 -7.69
CA GLN A 393 -22.45 8.32 -8.04
C GLN A 393 -22.07 8.80 -9.44
N ASP A 394 -20.76 8.79 -9.75
CA ASP A 394 -20.29 9.22 -11.11
C ASP A 394 -20.71 8.35 -12.30
N TYR A 395 -20.82 7.04 -12.07
CA TYR A 395 -20.96 6.09 -13.17
C TYR A 395 -22.30 5.37 -13.20
N VAL A 396 -22.87 5.10 -12.02
CA VAL A 396 -24.12 4.34 -11.94
C VAL A 396 -25.31 5.30 -11.83
N GLU A 397 -25.23 6.31 -10.95
CA GLU A 397 -26.39 7.16 -10.72
C GLU A 397 -26.60 8.12 -11.90
N THR A 398 -25.55 8.31 -12.71
CA THR A 398 -25.64 9.04 -13.97
C THR A 398 -26.18 8.13 -15.11
N GLY A 399 -26.44 6.87 -14.83
CA GLY A 399 -26.92 5.88 -15.82
C GLY A 399 -25.88 5.46 -16.85
N LYS A 400 -24.62 5.81 -16.64
CA LYS A 400 -23.59 5.47 -17.62
C LYS A 400 -23.22 3.98 -17.61
N VAL A 401 -23.23 3.36 -16.44
CA VAL A 401 -22.86 1.96 -16.30
C VAL A 401 -23.99 1.31 -15.48
N LYS A 402 -24.45 0.10 -15.90
CA LYS A 402 -25.49 -0.63 -15.17
C LYS A 402 -24.96 -0.99 -13.76
N ALA A 403 -25.80 -0.91 -12.72
CA ALA A 403 -25.39 -1.24 -11.39
C ALA A 403 -24.70 -2.59 -11.34
N GLU A 404 -25.26 -3.61 -12.03
CA GLU A 404 -24.71 -4.98 -11.81
C GLU A 404 -23.32 -5.11 -12.46
N GLU A 405 -23.11 -4.50 -13.64
CA GLU A 405 -21.75 -4.52 -14.21
C GLU A 405 -20.77 -3.76 -13.30
N PHE A 406 -21.20 -2.61 -12.78
CA PHE A 406 -20.39 -1.88 -11.81
C PHE A 406 -20.00 -2.77 -10.62
N LEU A 407 -20.99 -3.41 -9.99
CA LEU A 407 -20.70 -4.33 -8.87
C LEU A 407 -19.75 -5.45 -9.23
N GLN A 408 -19.94 -6.05 -10.40
CA GLN A 408 -19.07 -7.18 -10.81
C GLN A 408 -17.60 -6.70 -10.76
N ASN A 409 -17.35 -5.47 -11.23
CA ASN A 409 -16.00 -4.91 -11.17
C ASN A 409 -15.52 -4.54 -9.74
N VAL A 410 -16.29 -3.74 -8.99
CA VAL A 410 -15.85 -3.28 -7.63
C VAL A 410 -15.83 -4.40 -6.64
N ARG A 411 -16.58 -5.47 -6.88
CA ARG A 411 -16.33 -6.66 -6.04
C ARG A 411 -14.83 -7.10 -6.16
N GLN A 412 -14.28 -7.00 -7.36
CA GLN A 412 -12.88 -7.37 -7.59
C GLN A 412 -11.91 -6.23 -7.22
N THR A 413 -12.35 -4.96 -7.38
CA THR A 413 -11.35 -3.88 -7.24
C THR A 413 -11.46 -3.05 -5.96
N SER A 414 -12.55 -3.19 -5.21
CA SER A 414 -12.78 -2.27 -4.09
C SER A 414 -11.69 -2.34 -3.01
N ARG A 415 -11.32 -1.16 -2.49
CA ARG A 415 -10.41 -1.05 -1.38
C ARG A 415 -10.96 -1.78 -0.15
N ASP A 416 -12.28 -1.88 -0.03
CA ASP A 416 -12.89 -2.52 1.13
C ASP A 416 -12.61 -4.01 1.19
N ASN A 417 -12.24 -4.61 0.08
CA ASN A 417 -11.73 -6.02 0.14
C ASN A 417 -10.62 -6.31 1.16
N SER A 418 -9.78 -5.31 1.42
N SER A 418 -9.81 -5.29 1.43
CA SER A 418 -8.65 -5.51 2.31
CA SER A 418 -8.63 -5.42 2.30
C SER A 418 -8.88 -4.81 3.67
C SER A 418 -8.97 -4.99 3.74
N ARG A 419 -10.11 -4.34 3.89
CA ARG A 419 -10.50 -3.66 5.15
C ARG A 419 -11.44 -4.48 6.05
N THR A 420 -11.82 -5.66 5.59
CA THR A 420 -12.61 -6.53 6.49
C THR A 420 -11.74 -6.91 7.71
N PRO A 421 -12.34 -6.99 8.91
CA PRO A 421 -11.46 -7.21 10.09
C PRO A 421 -10.57 -8.47 10.06
N PHE A 422 -9.40 -8.33 10.67
CA PHE A 422 -8.38 -9.35 10.69
C PHE A 422 -8.96 -10.54 11.41
N GLN A 423 -8.68 -11.72 10.88
CA GLN A 423 -9.28 -12.95 11.40
C GLN A 423 -8.35 -13.61 12.41
N TRP A 424 -8.53 -13.28 13.69
CA TRP A 424 -7.65 -13.80 14.76
C TRP A 424 -7.87 -15.28 15.06
N ASP A 425 -9.11 -15.69 15.23
CA ASP A 425 -9.32 -17.08 15.55
C ASP A 425 -10.69 -17.51 15.04
N ALA A 426 -11.17 -18.65 15.52
CA ALA A 426 -12.42 -19.25 15.01
C ALA A 426 -13.63 -18.90 15.93
N SER A 427 -13.43 -18.04 16.92
CA SER A 427 -14.54 -17.68 17.81
C SER A 427 -15.45 -16.65 17.13
N LYS A 428 -16.50 -16.21 17.83
CA LYS A 428 -17.43 -15.23 17.30
C LYS A 428 -16.69 -13.96 16.77
N ASN A 429 -17.08 -13.52 15.58
CA ASN A 429 -16.44 -12.36 14.91
C ASN A 429 -14.92 -12.58 14.74
N ALA A 430 -14.47 -13.83 14.58
CA ALA A 430 -13.05 -14.18 14.41
C ALA A 430 -12.15 -13.63 15.53
N GLY A 431 -12.74 -13.38 16.70
CA GLY A 431 -11.97 -12.87 17.85
C GLY A 431 -11.55 -11.45 17.64
N PHE A 432 -12.06 -10.78 16.60
CA PHE A 432 -11.68 -9.41 16.34
C PHE A 432 -12.25 -8.39 17.39
N THR A 433 -13.46 -8.67 17.89
CA THR A 433 -14.22 -7.72 18.69
C THR A 433 -15.20 -8.50 19.55
N SER A 434 -15.50 -8.02 20.73
CA SER A 434 -16.66 -8.56 21.54
C SER A 434 -17.99 -7.93 21.11
N GLY A 435 -17.93 -6.89 20.28
CA GLY A 435 -19.11 -6.14 19.87
C GLY A 435 -19.53 -6.46 18.46
N THR A 436 -20.00 -5.45 17.71
CA THR A 436 -20.33 -5.64 16.31
C THR A 436 -19.26 -5.01 15.40
N PRO A 437 -18.56 -5.82 14.58
CA PRO A 437 -17.50 -5.22 13.77
C PRO A 437 -18.05 -4.13 12.82
N TRP A 438 -17.23 -3.09 12.65
CA TRP A 438 -17.63 -1.97 11.80
C TRP A 438 -17.86 -2.32 10.36
N LEU A 439 -17.17 -3.36 9.88
CA LEU A 439 -17.34 -3.82 8.54
C LEU A 439 -17.45 -5.33 8.67
N LYS A 440 -18.39 -5.96 7.97
CA LYS A 440 -18.66 -7.39 8.24
C LYS A 440 -17.42 -8.23 7.97
N ILE A 441 -17.25 -9.25 8.81
CA ILE A 441 -16.09 -10.15 8.74
C ILE A 441 -16.35 -11.20 7.67
N ASN A 442 -15.32 -11.61 6.94
CA ASN A 442 -15.58 -12.65 5.94
C ASN A 442 -16.04 -13.96 6.65
N PRO A 443 -17.15 -14.63 6.18
CA PRO A 443 -17.49 -15.96 6.77
C PRO A 443 -16.40 -17.05 6.67
N ASN A 444 -15.36 -16.84 5.83
CA ASN A 444 -14.28 -17.81 5.69
C ASN A 444 -13.33 -17.77 6.88
N TYR A 445 -13.60 -16.89 7.86
CA TYR A 445 -12.77 -16.84 9.05
C TYR A 445 -12.70 -18.20 9.77
N LYS A 446 -13.73 -19.04 9.59
CA LYS A 446 -13.69 -20.36 10.27
C LYS A 446 -12.59 -21.22 9.66
N GLU A 447 -12.32 -21.02 8.38
CA GLU A 447 -11.24 -21.74 7.70
C GLU A 447 -9.92 -20.99 7.79
N ILE A 448 -9.99 -19.65 7.82
CA ILE A 448 -8.78 -18.76 7.66
C ILE A 448 -8.60 -17.88 8.90
N ASN A 449 -7.73 -18.28 9.82
CA ASN A 449 -7.54 -17.48 11.04
C ASN A 449 -6.18 -17.72 11.65
N SER A 450 -5.69 -16.77 12.42
CA SER A 450 -4.30 -16.85 12.86
C SER A 450 -4.14 -18.02 13.88
N ALA A 451 -5.15 -18.28 14.69
CA ALA A 451 -5.03 -19.36 15.71
C ALA A 451 -4.83 -20.72 15.09
N ASP A 452 -5.50 -20.98 13.96
CA ASP A 452 -5.36 -22.23 13.25
C ASP A 452 -4.01 -22.39 12.51
N GLN A 453 -3.24 -21.33 12.39
CA GLN A 453 -2.03 -21.34 11.60
C GLN A 453 -0.73 -21.25 12.40
N ILE A 454 -0.71 -20.47 13.49
CA ILE A 454 0.53 -20.08 14.14
C ILE A 454 1.32 -21.32 14.60
N ASN A 455 0.64 -22.40 14.99
CA ASN A 455 1.34 -23.59 15.46
C ASN A 455 1.31 -24.74 14.46
N ASN A 456 0.75 -24.55 13.27
CA ASN A 456 0.78 -25.58 12.19
C ASN A 456 1.99 -25.30 11.30
N PRO A 457 3.00 -26.20 11.32
CA PRO A 457 4.21 -25.87 10.55
C PRO A 457 3.92 -25.86 9.06
N ASN A 458 2.78 -26.38 8.64
CA ASN A 458 2.42 -26.28 7.20
C ASN A 458 1.58 -25.08 6.82
N SER A 459 1.42 -24.13 7.72
CA SER A 459 0.47 -23.04 7.49
C SER A 459 1.03 -21.95 6.59
N VAL A 460 0.15 -21.13 6.00
CA VAL A 460 0.60 -19.94 5.24
C VAL A 460 1.43 -19.08 6.21
N PHE A 461 0.94 -18.91 7.45
CA PHE A 461 1.66 -18.08 8.43
C PHE A 461 3.11 -18.57 8.60
N ASN A 462 3.25 -19.87 8.83
CA ASN A 462 4.59 -20.45 9.00
C ASN A 462 5.44 -20.47 7.74
N TYR A 463 4.81 -20.37 6.58
CA TYR A 463 5.61 -20.31 5.39
C TYR A 463 6.16 -18.89 5.22
N TYR A 464 5.36 -17.86 5.51
CA TYR A 464 5.86 -16.47 5.57
C TYR A 464 7.03 -16.35 6.59
N ARG A 465 6.86 -16.95 7.77
CA ARG A 465 7.88 -16.93 8.82
C ARG A 465 9.15 -17.55 8.24
N LYS A 466 9.01 -18.71 7.61
CA LYS A 466 10.17 -19.38 7.05
C LYS A 466 10.87 -18.50 5.96
N LEU A 467 10.10 -17.90 5.07
CA LEU A 467 10.65 -17.05 3.99
C LEU A 467 11.37 -15.82 4.52
N ILE A 468 10.82 -15.26 5.60
CA ILE A 468 11.44 -14.07 6.13
C ILE A 468 12.82 -14.45 6.69
N ASN A 469 12.90 -15.60 7.39
CA ASN A 469 14.21 -16.03 7.94
C ASN A 469 15.14 -16.34 6.80
N ILE A 470 14.60 -16.89 5.70
CA ILE A 470 15.46 -17.22 4.54
C ILE A 470 16.04 -15.97 3.95
N ARG A 471 15.18 -14.97 3.81
CA ARG A 471 15.62 -13.70 3.22
C ARG A 471 16.69 -13.08 4.12
N HIS A 472 16.47 -13.06 5.45
CA HIS A 472 17.51 -12.56 6.41
C HIS A 472 18.88 -13.30 6.25
N ASP A 473 18.81 -14.59 5.91
CA ASP A 473 20.01 -15.41 5.86
C ASP A 473 20.78 -15.27 4.56
N ILE A 474 20.12 -14.88 3.48
CA ILE A 474 20.76 -14.90 2.17
C ILE A 474 20.79 -13.47 1.56
N PRO A 475 21.93 -12.75 1.69
CA PRO A 475 21.96 -11.37 1.24
C PRO A 475 21.52 -11.19 -0.19
N ALA A 476 21.79 -12.16 -1.07
CA ALA A 476 21.40 -12.00 -2.45
C ALA A 476 19.84 -11.88 -2.61
N LEU A 477 19.06 -12.40 -1.67
CA LEU A 477 17.57 -12.22 -1.77
C LEU A 477 17.10 -10.77 -1.44
N THR A 478 17.98 -9.96 -0.88
CA THR A 478 17.67 -8.52 -0.66
C THR A 478 18.34 -7.68 -1.72
N TYR A 479 19.67 -7.85 -1.87
CA TYR A 479 20.50 -6.89 -2.62
C TYR A 479 20.87 -7.40 -4.00
N GLY A 480 20.67 -8.70 -4.23
CA GLY A 480 21.07 -9.30 -5.51
C GLY A 480 20.41 -8.64 -6.71
N SER A 481 21.11 -8.58 -7.84
CA SER A 481 20.48 -8.06 -9.05
C SER A 481 19.41 -9.06 -9.57
N TYR A 482 18.39 -8.55 -10.27
CA TYR A 482 17.19 -9.30 -10.75
C TYR A 482 17.29 -9.51 -12.25
N ILE A 483 17.10 -10.72 -12.73
CA ILE A 483 17.03 -11.02 -14.15
C ILE A 483 15.82 -11.94 -14.30
N ASP A 484 14.94 -11.59 -15.21
CA ASP A 484 13.81 -12.43 -15.56
C ASP A 484 14.29 -13.38 -16.65
N LEU A 485 14.19 -14.70 -16.43
CA LEU A 485 14.68 -15.64 -17.42
C LEU A 485 13.87 -15.63 -18.72
N ASP A 486 12.58 -15.32 -18.65
CA ASP A 486 11.77 -15.20 -19.86
C ASP A 486 10.54 -14.27 -19.65
N PRO A 487 10.69 -12.96 -19.98
CA PRO A 487 9.57 -12.01 -19.76
C PRO A 487 8.29 -12.31 -20.56
N ASP A 488 8.36 -13.19 -21.58
CA ASP A 488 7.15 -13.56 -22.35
C ASP A 488 6.50 -14.86 -21.97
N ASN A 489 6.98 -15.52 -20.91
CA ASN A 489 6.37 -16.79 -20.47
C ASN A 489 5.09 -16.50 -19.60
N ASN A 490 3.94 -17.02 -20.05
CA ASN A 490 2.68 -16.80 -19.36
C ASN A 490 2.34 -17.85 -18.36
N SER A 491 3.23 -18.82 -18.15
CA SER A 491 2.90 -19.93 -17.23
C SER A 491 3.84 -20.01 -16.05
N VAL A 492 5.15 -20.05 -16.31
CA VAL A 492 6.14 -20.25 -15.23
C VAL A 492 6.90 -18.96 -15.01
N TYR A 493 6.86 -18.41 -13.79
CA TYR A 493 7.58 -17.15 -13.49
C TYR A 493 8.91 -17.61 -12.89
N ALA A 494 10.02 -17.25 -13.55
CA ALA A 494 11.35 -17.70 -13.12
C ALA A 494 12.31 -16.54 -13.26
N TYR A 495 13.05 -16.25 -12.19
CA TYR A 495 14.02 -15.17 -12.17
C TYR A 495 15.16 -15.51 -11.25
N THR A 496 16.30 -14.88 -11.52
CA THR A 496 17.47 -15.01 -10.64
C THR A 496 17.72 -13.79 -9.80
N ARG A 497 18.29 -14.03 -8.61
CA ARG A 497 18.84 -12.94 -7.78
C ARG A 497 20.35 -13.23 -7.58
N THR A 498 21.25 -12.27 -7.87
CA THR A 498 22.68 -12.54 -7.96
C THR A 498 23.53 -11.54 -7.21
N LEU A 499 24.43 -12.03 -6.35
CA LEU A 499 25.52 -11.22 -5.79
C LEU A 499 26.86 -11.92 -6.01
N GLY A 500 27.62 -11.42 -6.97
CA GLY A 500 28.85 -12.09 -7.39
C GLY A 500 28.58 -13.53 -7.80
N ALA A 501 29.25 -14.48 -7.16
CA ALA A 501 29.10 -15.93 -7.44
C ALA A 501 27.83 -16.56 -6.81
N GLU A 502 27.14 -15.82 -5.92
CA GLU A 502 25.96 -16.34 -5.23
C GLU A 502 24.70 -16.06 -6.10
N LYS A 503 24.06 -17.12 -6.62
CA LYS A 503 23.04 -17.00 -7.63
C LYS A 503 21.87 -17.89 -7.17
N TYR A 504 20.70 -17.29 -6.99
CA TYR A 504 19.51 -17.98 -6.57
C TYR A 504 18.43 -17.86 -7.64
N LEU A 505 17.58 -18.89 -7.73
CA LEU A 505 16.60 -19.00 -8.78
C LEU A 505 15.26 -19.10 -8.03
N VAL A 506 14.27 -18.29 -8.42
CA VAL A 506 12.90 -18.40 -7.88
C VAL A 506 12.04 -18.87 -9.03
N VAL A 507 11.23 -19.91 -8.77
CA VAL A 507 10.35 -20.48 -9.78
C VAL A 507 8.98 -20.64 -9.22
N ILE A 508 7.98 -20.08 -9.90
CA ILE A 508 6.61 -20.19 -9.51
C ILE A 508 5.76 -20.57 -10.74
N ASN A 509 4.93 -21.57 -10.52
CA ASN A 509 4.05 -22.10 -11.57
C ASN A 509 2.70 -21.41 -11.33
N PHE A 510 2.33 -20.52 -12.24
CA PHE A 510 1.07 -19.78 -12.11
C PHE A 510 -0.09 -20.56 -12.67
N LYS A 511 0.17 -21.75 -13.18
CA LYS A 511 -0.89 -22.60 -13.79
C LYS A 511 -1.44 -23.63 -12.82
N GLU A 512 -2.69 -24.06 -13.02
CA GLU A 512 -3.24 -25.07 -12.14
C GLU A 512 -3.06 -26.45 -12.77
N GLU A 513 -2.01 -26.58 -13.59
CA GLU A 513 -1.64 -27.86 -14.15
C GLU A 513 -0.16 -28.03 -13.98
N VAL A 514 0.28 -29.29 -14.03
CA VAL A 514 1.72 -29.62 -13.98
C VAL A 514 2.43 -28.93 -15.13
N MET A 515 3.53 -28.23 -14.84
CA MET A 515 4.34 -27.60 -15.86
C MET A 515 5.78 -28.09 -15.76
N HIS A 516 6.31 -28.71 -16.81
CA HIS A 516 7.75 -29.02 -16.88
C HIS A 516 8.51 -27.81 -17.29
N TYR A 517 9.66 -27.54 -16.68
CA TYR A 517 10.39 -26.31 -17.01
C TYR A 517 11.88 -26.59 -16.97
N THR A 518 12.52 -26.54 -18.14
CA THR A 518 13.96 -26.76 -18.32
C THR A 518 14.67 -25.39 -18.23
N LEU A 519 15.66 -25.32 -17.37
CA LEU A 519 16.40 -24.11 -17.20
C LEU A 519 17.18 -23.76 -18.47
N PRO A 520 17.44 -22.47 -18.69
CA PRO A 520 18.15 -22.00 -19.86
C PRO A 520 19.63 -22.12 -19.69
N GLY A 521 20.33 -22.17 -20.83
CA GLY A 521 21.80 -22.10 -20.86
C GLY A 521 22.37 -23.21 -20.03
N ASP A 522 23.31 -22.88 -19.16
CA ASP A 522 24.03 -23.90 -18.42
C ASP A 522 23.63 -23.88 -16.94
N LEU A 523 22.51 -23.24 -16.65
CA LEU A 523 22.03 -23.19 -15.25
C LEU A 523 21.63 -24.58 -14.75
N SER A 524 22.06 -24.88 -13.54
CA SER A 524 21.61 -26.11 -12.89
C SER A 524 21.61 -25.94 -11.37
N ILE A 525 20.88 -26.81 -10.72
CA ILE A 525 20.61 -26.63 -9.31
C ILE A 525 21.73 -27.20 -8.40
N ASN A 526 22.14 -26.34 -7.48
CA ASN A 526 23.08 -26.66 -6.41
C ASN A 526 22.34 -27.07 -5.12
N LYS A 527 21.31 -26.32 -4.66
CA LYS A 527 20.53 -26.72 -3.48
C LYS A 527 19.08 -26.27 -3.63
N VAL A 528 18.17 -26.96 -2.97
CA VAL A 528 16.81 -26.44 -2.79
C VAL A 528 16.78 -25.61 -1.52
N ILE A 529 16.43 -24.34 -1.60
CA ILE A 529 16.32 -23.55 -0.36
C ILE A 529 14.93 -23.75 0.28
N THR A 530 13.86 -23.67 -0.50
CA THR A 530 12.55 -24.06 0.04
C THR A 530 11.65 -24.36 -1.16
N GLU A 531 10.55 -25.06 -0.97
CA GLU A 531 9.56 -25.32 -2.02
C GLU A 531 8.22 -25.46 -1.31
N ASN A 532 7.16 -25.08 -2.00
CA ASN A 532 5.83 -25.47 -1.54
C ASN A 532 5.09 -26.19 -2.65
N ASN A 533 4.43 -27.27 -2.25
CA ASN A 533 3.67 -28.13 -3.16
C ASN A 533 4.57 -28.89 -4.13
N SER A 534 5.73 -29.30 -3.68
N SER A 534 5.76 -29.28 -3.68
CA SER A 534 6.63 -30.06 -4.54
CA SER A 534 6.69 -30.09 -4.51
C SER A 534 6.33 -31.55 -4.41
C SER A 534 6.25 -31.55 -4.44
N HIS A 535 6.48 -32.28 -5.51
CA HIS A 535 6.22 -33.73 -5.51
C HIS A 535 7.46 -34.35 -6.09
N THR A 536 8.04 -33.75 -7.12
CA THR A 536 9.22 -34.39 -7.69
C THR A 536 10.50 -33.88 -7.06
N ILE A 537 11.32 -34.79 -6.52
CA ILE A 537 12.54 -34.37 -5.83
C ILE A 537 13.52 -33.63 -6.76
N VAL A 538 14.29 -32.73 -6.18
CA VAL A 538 15.31 -32.03 -6.93
C VAL A 538 16.67 -32.48 -6.45
N ASN A 539 17.49 -32.98 -7.38
CA ASN A 539 18.79 -33.50 -7.05
C ASN A 539 19.88 -32.56 -7.57
N LYS A 540 21.08 -32.70 -7.03
CA LYS A 540 22.25 -31.93 -7.41
C LYS A 540 22.38 -31.95 -8.93
N ASN A 541 22.63 -30.79 -9.53
CA ASN A 541 22.82 -30.64 -10.96
C ASN A 541 21.54 -30.77 -11.82
N ASP A 542 20.36 -30.84 -11.21
CA ASP A 542 19.16 -30.93 -12.06
C ASP A 542 19.09 -29.70 -12.97
N ARG A 543 18.68 -29.93 -14.22
CA ARG A 543 18.48 -28.87 -15.23
C ARG A 543 17.02 -28.63 -15.58
N GLN A 544 16.14 -29.32 -14.90
CA GLN A 544 14.72 -29.28 -15.21
C GLN A 544 13.95 -29.43 -13.89
N LEU A 545 12.76 -28.83 -13.82
CA LEU A 545 11.93 -28.99 -12.62
C LEU A 545 10.61 -29.44 -13.14
N ARG A 546 9.92 -30.35 -12.45
CA ARG A 546 8.57 -30.74 -12.83
C ARG A 546 7.65 -30.02 -11.81
N LEU A 547 6.89 -29.01 -12.25
CA LEU A 547 6.25 -28.11 -11.30
C LEU A 547 4.82 -28.56 -11.05
N GLU A 548 4.46 -28.83 -9.83
CA GLU A 548 3.05 -29.12 -9.56
C GLU A 548 2.28 -27.82 -9.80
N PRO A 549 0.95 -27.90 -9.94
CA PRO A 549 0.17 -26.68 -10.03
C PRO A 549 0.41 -25.75 -8.78
N TRP A 550 0.60 -24.47 -9.02
CA TRP A 550 0.87 -23.50 -7.95
C TRP A 550 2.12 -23.80 -7.16
N GLN A 551 2.98 -24.69 -7.68
CA GLN A 551 4.23 -24.94 -6.98
C GLN A 551 5.10 -23.66 -6.94
N SER A 552 5.80 -23.40 -5.82
CA SER A 552 6.80 -22.31 -5.78
C SER A 552 8.06 -22.81 -5.08
N GLY A 553 9.21 -22.22 -5.40
CA GLY A 553 10.46 -22.66 -4.79
C GLY A 553 11.59 -21.66 -5.00
N ILE A 554 12.59 -21.75 -4.11
CA ILE A 554 13.81 -20.96 -4.25
C ILE A 554 14.96 -21.98 -4.27
N TYR A 555 15.95 -21.78 -5.16
CA TYR A 555 17.02 -22.75 -5.42
C TYR A 555 18.32 -22.00 -5.44
N LYS A 556 19.40 -22.58 -4.91
CA LYS A 556 20.72 -22.04 -5.14
C LYS A 556 21.22 -22.67 -6.46
N LEU A 557 21.78 -21.87 -7.38
CA LEU A 557 22.28 -22.39 -8.66
C LEU A 557 23.76 -22.73 -8.58
N ASN A 558 24.24 -23.72 -9.33
CA ASN A 558 25.70 -24.02 -9.31
C ASN A 558 26.49 -22.86 -9.91
N PRO A 559 27.70 -22.58 -9.44
CA PRO A 559 28.48 -21.50 -10.05
C PRO A 559 29.33 -22.01 -11.20
C TRS B . -5.49 9.03 0.08
C1 TRS B . -6.15 10.27 0.72
C2 TRS B . -4.41 9.43 -0.95
C3 TRS B . -6.57 8.22 -0.63
N TRS B . -4.82 8.23 1.15
O1 TRS B . -5.33 10.79 1.77
O2 TRS B . -3.80 8.29 -1.54
O3 TRS B . -7.45 7.59 0.32
C1 GOL C . -4.49 6.06 -4.00
O1 GOL C . -4.99 7.41 -3.82
C2 GOL C . -5.66 5.07 -3.89
O2 GOL C . -6.05 5.03 -2.50
C3 GOL C . -6.86 5.37 -4.80
O3 GOL C . -7.63 4.16 -4.91
CA CA D . -12.10 -0.16 19.75
#